data_7G9A
#
_entry.id   7G9A
#
_cell.length_a   70.701
_cell.length_b   70.701
_cell.length_c   195.581
_cell.angle_alpha   90.000
_cell.angle_beta   90.000
_cell.angle_gamma   90.000
#
_symmetry.space_group_name_H-M   'P 43 21 2'
#
loop_
_entity.id
_entity.type
_entity.pdbx_description
1 polymer 'Transforming protein RhoA'
2 polymer 'Rho guanine nucleotide exchange factor 2'
3 non-polymer 'DIMETHYL SULFOXIDE'
4 non-polymer 'FORMIC ACID'
5 non-polymer 3-acetamido-N-methylbenzamide
6 water water
#
loop_
_entity_poly.entity_id
_entity_poly.type
_entity_poly.pdbx_seq_one_letter_code
_entity_poly.pdbx_strand_id
1 'polypeptide(L)'
;SMAAIRKKLVIVGDGACGKTCLLIVFSKDQFPEVYVPTVFENYVADIEVDGKQVELALWDTAGQEDYDRLRPLSYPDTDV
ILMCFSIDSPDSLENIPEKWTPEVKHFCPNVPIILVGNKKDLRNDEHTRRELAKMKQEPVKPEEGRDMANRIGAFGYMEC
SAKTKDGVREVFEMATRAALQARRG
;
A
2 'polypeptide(L)'
;SMEMDEKDFAADSWSLAVDSSFLQQHKKEVMKQQDVIYELIQTELHHVRTLKIMTRLFRTGMLEELHLEPGVVQGLFPCV
DELSDIHTRFLSQLLERRRQALCPGSTRNFVIHRLGDLLISQFSGPSAEQMCKTYSEFCSRHSKALKLYKELYARDKRFQ
QFIRKVTRPAVLKRHGVQECILLVTQRITKYPLLISRILQHSHGIEEERQDLTTALGLVKELLSNVDEGIYQLEKGARLQ
EIYNR
;
B
#
# COMPACT_ATOMS: atom_id res chain seq x y z
N ALA A 4 5.12 21.30 13.48
CA ALA A 4 4.28 20.11 13.31
C ALA A 4 5.05 18.80 13.47
N ILE A 5 4.79 18.11 14.57
CA ILE A 5 5.40 16.85 14.93
C ILE A 5 4.99 15.72 13.95
N ARG A 6 5.88 14.75 13.71
CA ARG A 6 5.58 13.66 12.80
C ARG A 6 5.36 12.40 13.60
N LYS A 7 4.17 11.82 13.45
CA LYS A 7 3.77 10.60 14.14
C LYS A 7 3.29 9.61 13.11
N LYS A 8 3.61 8.33 13.30
CA LYS A 8 3.26 7.28 12.33
C LYS A 8 2.09 6.41 12.78
N LEU A 9 1.16 6.16 11.87
CA LEU A 9 0.00 5.33 12.11
C LEU A 9 0.06 4.10 11.23
N VAL A 10 -0.18 2.91 11.78
CA VAL A 10 -0.27 1.67 11.01
C VAL A 10 -1.60 1.00 11.30
N ILE A 11 -2.32 0.51 10.27
CA ILE A 11 -3.58 -0.19 10.48
CA ILE A 11 -3.58 -0.19 10.47
C ILE A 11 -3.39 -1.67 10.23
N VAL A 12 -3.70 -2.47 11.21
CA VAL A 12 -3.57 -3.93 11.12
CA VAL A 12 -3.56 -3.91 11.14
C VAL A 12 -4.95 -4.59 11.22
N GLY A 13 -5.07 -5.82 10.76
CA GLY A 13 -6.34 -6.54 10.78
C GLY A 13 -6.47 -7.58 9.68
N ASP A 14 -7.52 -8.41 9.76
CA ASP A 14 -7.75 -9.49 8.80
C ASP A 14 -7.99 -9.00 7.35
N GLY A 15 -8.14 -9.96 6.42
CA GLY A 15 -8.36 -9.70 5.00
C GLY A 15 -9.39 -8.64 4.69
N ALA A 16 -10.67 -9.03 4.61
CA ALA A 16 -11.72 -8.08 4.26
C ALA A 16 -12.33 -7.36 5.48
N CYS A 17 -11.48 -6.79 6.34
CA CYS A 17 -11.97 -6.06 7.50
C CYS A 17 -12.24 -4.56 7.21
N GLY A 18 -11.95 -4.11 5.99
CA GLY A 18 -12.20 -2.73 5.58
C GLY A 18 -11.17 -1.68 5.94
N LYS A 19 -9.90 -2.09 6.16
CA LYS A 19 -8.86 -1.13 6.54
CA LYS A 19 -8.86 -1.13 6.54
C LYS A 19 -8.37 -0.29 5.38
N THR A 20 -8.44 -0.83 4.15
CA THR A 20 -8.02 -0.08 2.99
C THR A 20 -9.08 0.98 2.71
N CYS A 21 -10.38 0.58 2.74
CA CYS A 21 -11.51 1.51 2.54
C CYS A 21 -11.44 2.67 3.55
N LEU A 22 -11.24 2.37 4.85
CA LEU A 22 -11.15 3.38 5.91
C LEU A 22 -10.05 4.41 5.60
N LEU A 23 -8.88 3.93 5.17
CA LEU A 23 -7.74 4.75 4.84
C LEU A 23 -7.96 5.64 3.63
N ILE A 24 -8.63 5.13 2.57
CA ILE A 24 -8.92 5.87 1.34
C ILE A 24 -9.96 6.97 1.58
N VAL A 25 -10.99 6.66 2.37
CA VAL A 25 -12.08 7.55 2.75
C VAL A 25 -11.59 8.73 3.55
N PHE A 26 -10.68 8.47 4.48
CA PHE A 26 -10.13 9.52 5.31
C PHE A 26 -9.18 10.41 4.51
N SER A 27 -8.28 9.80 3.72
CA SER A 27 -7.32 10.55 2.92
C SER A 27 -7.95 11.33 1.77
N LYS A 28 -9.20 11.02 1.40
CA LYS A 28 -9.92 11.73 0.35
C LYS A 28 -11.11 12.57 0.88
N ASP A 29 -11.38 12.52 2.22
CA ASP A 29 -12.45 13.20 2.96
C ASP A 29 -13.85 12.61 2.68
N GLN A 30 -14.09 12.14 1.46
CA GLN A 30 -15.35 11.54 1.02
C GLN A 30 -15.20 10.05 0.64
N PHE A 31 -16.33 9.32 0.48
CA PHE A 31 -16.32 7.94 0.01
C PHE A 31 -16.24 8.03 -1.52
N PRO A 32 -15.22 7.40 -2.14
CA PRO A 32 -15.06 7.48 -3.60
C PRO A 32 -16.31 7.15 -4.41
N GLU A 33 -16.87 8.15 -5.09
CA GLU A 33 -18.09 8.03 -5.89
C GLU A 33 -17.95 7.15 -7.16
N VAL A 34 -16.94 7.41 -8.01
CA VAL A 34 -16.79 6.66 -9.25
C VAL A 34 -15.90 5.39 -9.10
N TYR A 35 -14.75 5.47 -8.39
CA TYR A 35 -13.88 4.30 -8.28
C TYR A 35 -13.20 4.17 -6.92
N VAL A 36 -13.41 3.04 -6.26
CA VAL A 36 -12.76 2.77 -4.97
C VAL A 36 -11.47 2.03 -5.30
N PRO A 37 -10.30 2.63 -5.00
CA PRO A 37 -9.03 1.95 -5.33
C PRO A 37 -8.77 0.66 -4.54
N THR A 38 -8.24 -0.34 -5.21
CA THR A 38 -7.87 -1.65 -4.64
C THR A 38 -6.75 -1.50 -3.60
N VAL A 39 -5.80 -0.61 -3.88
CA VAL A 39 -4.65 -0.42 -3.01
C VAL A 39 -4.56 1.01 -2.44
N PHE A 40 -3.78 1.15 -1.38
CA PHE A 40 -3.48 2.41 -0.74
C PHE A 40 -1.94 2.42 -0.62
N GLU A 41 -1.25 3.39 -1.24
CA GLU A 41 0.22 3.45 -1.16
C GLU A 41 0.68 3.96 0.24
N ASN A 42 0.36 5.21 0.57
CA ASN A 42 0.60 5.92 1.83
C ASN A 42 0.02 7.33 1.75
N TYR A 43 -0.11 8.01 2.88
CA TYR A 43 -0.63 9.36 2.94
C TYR A 43 -0.07 10.04 4.16
N VAL A 44 0.30 11.31 4.04
CA VAL A 44 0.75 12.10 5.19
C VAL A 44 -0.36 13.12 5.41
N ALA A 45 -1.11 12.97 6.52
CA ALA A 45 -2.28 13.81 6.81
C ALA A 45 -1.99 14.92 7.81
N ASP A 46 -2.50 16.13 7.54
CA ASP A 46 -2.34 17.27 8.44
C ASP A 46 -3.55 17.35 9.34
N ILE A 47 -3.34 16.97 10.60
CA ILE A 47 -4.40 16.92 11.59
CA ILE A 47 -4.42 16.94 11.57
C ILE A 47 -4.13 17.87 12.76
N GLU A 48 -5.10 18.73 13.09
CA GLU A 48 -4.97 19.59 14.25
C GLU A 48 -5.99 19.09 15.27
N VAL A 49 -5.51 18.38 16.30
CA VAL A 49 -6.37 17.88 17.34
C VAL A 49 -6.00 18.54 18.66
N ASP A 50 -7.03 19.05 19.36
CA ASP A 50 -6.93 19.73 20.64
C ASP A 50 -5.92 20.87 20.65
N GLY A 51 -5.74 21.53 19.51
CA GLY A 51 -4.84 22.68 19.37
C GLY A 51 -3.40 22.36 19.01
N LYS A 52 -3.12 21.09 18.68
CA LYS A 52 -1.77 20.68 18.31
C LYS A 52 -1.74 20.24 16.85
N GLN A 53 -0.77 20.77 16.08
CA GLN A 53 -0.64 20.41 14.67
CA GLN A 53 -0.58 20.46 14.66
C GLN A 53 0.29 19.22 14.50
N VAL A 54 -0.23 18.14 13.93
CA VAL A 54 0.53 16.92 13.72
C VAL A 54 0.50 16.50 12.24
N GLU A 55 1.60 15.92 11.74
CA GLU A 55 1.74 15.33 10.40
C GLU A 55 1.63 13.83 10.67
N LEU A 56 0.57 13.16 10.19
CA LEU A 56 0.31 11.75 10.46
C LEU A 56 0.44 10.80 9.23
N ALA A 57 1.53 10.02 9.18
CA ALA A 57 1.79 9.06 8.13
C ALA A 57 0.83 7.89 8.28
N LEU A 58 0.17 7.48 7.21
CA LEU A 58 -0.81 6.41 7.26
C LEU A 58 -0.33 5.22 6.47
N TRP A 59 -0.29 4.06 7.13
CA TRP A 59 0.22 2.86 6.48
C TRP A 59 -0.74 1.70 6.59
N ASP A 60 -0.64 0.79 5.65
CA ASP A 60 -1.55 -0.34 5.56
C ASP A 60 -0.77 -1.63 5.56
N THR A 61 -1.31 -2.66 6.20
CA THR A 61 -0.70 -3.98 6.16
C THR A 61 -1.47 -4.92 5.19
N ALA A 62 -2.41 -4.38 4.36
CA ALA A 62 -3.19 -5.12 3.38
C ALA A 62 -2.26 -5.74 2.37
N GLY A 63 -2.47 -7.02 2.10
CA GLY A 63 -1.60 -7.78 1.21
C GLY A 63 -0.45 -8.50 1.90
N GLN A 64 -0.13 -8.11 3.16
CA GLN A 64 0.97 -8.71 3.90
C GLN A 64 0.55 -9.81 4.90
N GLU A 65 -0.77 -9.97 5.12
CA GLU A 65 -1.35 -10.94 6.05
C GLU A 65 -0.74 -12.35 5.94
N ASP A 66 -0.43 -12.81 4.72
CA ASP A 66 0.13 -14.14 4.52
C ASP A 66 1.66 -14.23 4.66
N TYR A 67 2.34 -13.09 4.61
CA TYR A 67 3.80 -13.07 4.59
C TYR A 67 4.37 -12.56 5.89
N ASP A 68 4.51 -13.47 6.85
CA ASP A 68 4.95 -13.22 8.23
C ASP A 68 6.38 -12.67 8.36
N ARG A 69 7.25 -12.79 7.34
CA ARG A 69 8.59 -12.19 7.41
C ARG A 69 8.59 -10.77 6.83
N LEU A 70 7.74 -10.50 5.83
CA LEU A 70 7.59 -9.19 5.18
C LEU A 70 6.82 -8.20 6.05
N ARG A 71 5.67 -8.63 6.59
CA ARG A 71 4.73 -7.82 7.35
C ARG A 71 5.37 -6.97 8.43
N PRO A 72 6.24 -7.53 9.31
CA PRO A 72 6.83 -6.72 10.38
C PRO A 72 7.66 -5.52 9.94
N LEU A 73 8.02 -5.44 8.66
CA LEU A 73 8.74 -4.27 8.15
C LEU A 73 7.86 -3.00 8.12
N SER A 74 6.53 -3.15 8.27
CA SER A 74 5.60 -2.02 8.38
C SER A 74 5.67 -1.37 9.74
N TYR A 75 5.93 -2.16 10.79
CA TYR A 75 5.94 -1.74 12.19
C TYR A 75 7.03 -0.77 12.64
N PRO A 76 8.29 -0.78 12.18
CA PRO A 76 9.28 0.15 12.74
C PRO A 76 8.87 1.60 12.92
N ASP A 77 9.11 2.15 14.12
CA ASP A 77 8.84 3.54 14.48
C ASP A 77 7.35 3.92 14.55
N THR A 78 6.46 2.91 14.63
CA THR A 78 5.02 3.15 14.74
C THR A 78 4.72 3.86 16.08
N ASP A 79 3.88 4.91 16.04
CA ASP A 79 3.48 5.67 17.21
C ASP A 79 2.05 5.38 17.66
N VAL A 80 1.20 4.80 16.78
CA VAL A 80 -0.18 4.43 17.09
C VAL A 80 -0.65 3.27 16.19
N ILE A 81 -1.30 2.26 16.79
CA ILE A 81 -1.76 1.09 16.03
C ILE A 81 -3.26 1.11 15.95
N LEU A 82 -3.85 0.96 14.77
CA LEU A 82 -5.29 0.83 14.63
C LEU A 82 -5.55 -0.63 14.38
N MET A 83 -6.11 -1.32 15.35
CA MET A 83 -6.41 -2.73 15.23
CA MET A 83 -6.42 -2.74 15.26
C MET A 83 -7.85 -2.87 14.72
N CYS A 84 -8.00 -3.15 13.42
CA CYS A 84 -9.31 -3.23 12.80
CA CYS A 84 -9.30 -3.24 12.75
C CYS A 84 -9.88 -4.64 12.73
N PHE A 85 -11.21 -4.72 12.80
CA PHE A 85 -12.04 -5.91 12.70
C PHE A 85 -13.38 -5.47 12.05
N SER A 86 -14.08 -6.40 11.39
CA SER A 86 -15.34 -6.07 10.76
C SER A 86 -16.54 -6.50 11.59
N ILE A 87 -17.50 -5.59 11.78
CA ILE A 87 -18.73 -5.84 12.55
C ILE A 87 -19.62 -6.90 11.88
N ASP A 88 -19.51 -7.09 10.56
CA ASP A 88 -20.27 -8.14 9.86
C ASP A 88 -19.51 -9.48 9.79
N SER A 89 -18.48 -9.65 10.62
CA SER A 89 -17.68 -10.85 10.61
C SER A 89 -17.18 -11.13 12.02
N PRO A 90 -18.03 -11.76 12.86
CA PRO A 90 -17.61 -12.09 14.22
C PRO A 90 -16.40 -13.02 14.31
N ASP A 91 -16.00 -13.66 13.22
CA ASP A 91 -14.83 -14.52 13.20
C ASP A 91 -13.52 -13.71 13.03
N SER A 92 -13.61 -12.48 12.50
CA SER A 92 -12.44 -11.59 12.38
C SER A 92 -12.04 -11.03 13.78
N LEU A 93 -13.02 -10.91 14.69
CA LEU A 93 -12.77 -10.43 16.05
C LEU A 93 -12.06 -11.51 16.89
N GLU A 94 -12.31 -12.80 16.60
CA GLU A 94 -11.69 -13.95 17.28
C GLU A 94 -10.16 -13.93 17.10
N ASN A 95 -9.68 -13.44 15.94
CA ASN A 95 -8.24 -13.34 15.64
C ASN A 95 -7.55 -12.12 16.28
N ILE A 96 -8.30 -11.20 16.87
CA ILE A 96 -7.73 -10.04 17.55
C ILE A 96 -6.86 -10.48 18.74
N PRO A 97 -7.35 -11.25 19.73
CA PRO A 97 -6.48 -11.67 20.83
C PRO A 97 -5.58 -12.87 20.52
N GLU A 98 -5.91 -13.65 19.48
CA GLU A 98 -5.17 -14.85 19.14
C GLU A 98 -4.01 -14.56 18.22
N LYS A 99 -4.25 -13.79 17.16
CA LYS A 99 -3.27 -13.54 16.12
C LYS A 99 -2.63 -12.14 16.11
N TRP A 100 -3.42 -11.06 16.09
CA TRP A 100 -2.86 -9.73 15.92
C TRP A 100 -2.29 -9.10 17.16
N THR A 101 -2.95 -9.22 18.31
CA THR A 101 -2.45 -8.61 19.54
C THR A 101 -1.05 -9.12 19.94
N PRO A 102 -0.75 -10.44 19.96
CA PRO A 102 0.61 -10.86 20.34
C PRO A 102 1.71 -10.33 19.41
N GLU A 103 1.40 -10.21 18.12
CA GLU A 103 2.36 -9.73 17.14
C GLU A 103 2.64 -8.24 17.34
N VAL A 104 1.57 -7.44 17.40
CA VAL A 104 1.64 -6.00 17.60
C VAL A 104 2.28 -5.66 18.98
N LYS A 105 2.18 -6.57 19.97
CA LYS A 105 2.83 -6.33 21.27
C LYS A 105 4.30 -6.75 21.25
N HIS A 106 4.67 -7.74 20.44
CA HIS A 106 6.04 -8.20 20.29
C HIS A 106 6.86 -7.14 19.52
N PHE A 107 6.37 -6.70 18.36
CA PHE A 107 7.08 -5.71 17.56
C PHE A 107 6.89 -4.28 18.06
N CYS A 108 5.69 -3.97 18.58
CA CYS A 108 5.40 -2.63 19.08
C CYS A 108 5.02 -2.61 20.57
N PRO A 109 5.98 -2.81 21.49
CA PRO A 109 5.63 -2.75 22.91
C PRO A 109 5.35 -1.30 23.32
N ASN A 110 4.39 -1.10 24.23
CA ASN A 110 4.01 0.22 24.73
C ASN A 110 3.38 1.18 23.68
N VAL A 111 3.14 0.71 22.44
CA VAL A 111 2.51 1.55 21.42
C VAL A 111 0.99 1.51 21.60
N PRO A 112 0.34 2.69 21.78
CA PRO A 112 -1.13 2.69 21.95
C PRO A 112 -1.86 2.04 20.79
N ILE A 113 -2.83 1.17 21.10
CA ILE A 113 -3.65 0.43 20.15
C ILE A 113 -5.09 0.91 20.29
N ILE A 114 -5.78 1.17 19.18
CA ILE A 114 -7.20 1.51 19.24
C ILE A 114 -7.94 0.42 18.49
N LEU A 115 -8.83 -0.32 19.15
CA LEU A 115 -9.59 -1.38 18.49
C LEU A 115 -10.73 -0.70 17.74
N VAL A 116 -10.76 -0.86 16.43
CA VAL A 116 -11.74 -0.23 15.56
C VAL A 116 -12.70 -1.26 14.95
N GLY A 117 -13.98 -1.05 15.18
CA GLY A 117 -15.03 -1.88 14.61
C GLY A 117 -15.53 -1.21 13.34
N ASN A 118 -15.14 -1.74 12.16
CA ASN A 118 -15.52 -1.20 10.86
CA ASN A 118 -15.57 -1.13 10.91
C ASN A 118 -16.85 -1.77 10.37
N LYS A 119 -17.47 -1.13 9.37
CA LYS A 119 -18.70 -1.56 8.71
C LYS A 119 -19.88 -1.61 9.68
N LYS A 120 -20.01 -0.57 10.51
CA LYS A 120 -21.09 -0.53 11.50
C LYS A 120 -22.48 -0.40 10.89
N ASP A 121 -22.57 0.13 9.66
CA ASP A 121 -23.82 0.28 8.92
C ASP A 121 -24.46 -1.08 8.66
N LEU A 122 -23.61 -2.10 8.36
CA LEU A 122 -24.03 -3.46 8.10
C LEU A 122 -24.78 -4.14 9.26
N ARG A 123 -24.86 -3.49 10.43
CA ARG A 123 -25.65 -4.02 11.54
C ARG A 123 -27.13 -4.00 11.16
N ASN A 124 -27.59 -2.92 10.48
CA ASN A 124 -28.98 -2.81 10.04
C ASN A 124 -29.18 -3.27 8.61
N ASP A 125 -28.31 -4.16 8.11
CA ASP A 125 -28.41 -4.69 6.74
C ASP A 125 -29.13 -6.03 6.77
N GLU A 126 -30.12 -6.20 5.87
CA GLU A 126 -30.90 -7.41 5.80
C GLU A 126 -30.11 -8.59 5.30
N HIS A 127 -29.33 -8.40 4.22
CA HIS A 127 -28.52 -9.46 3.64
C HIS A 127 -27.41 -9.93 4.57
N THR A 128 -26.84 -9.00 5.36
CA THR A 128 -25.79 -9.35 6.31
C THR A 128 -26.39 -10.15 7.48
N ARG A 129 -27.53 -9.68 8.02
CA ARG A 129 -28.18 -10.40 9.11
C ARG A 129 -28.65 -11.79 8.65
N ARG A 130 -29.07 -11.93 7.38
CA ARG A 130 -29.50 -13.20 6.79
C ARG A 130 -28.36 -14.22 6.67
N GLU A 131 -27.27 -13.86 5.97
CA GLU A 131 -26.11 -14.74 5.76
C GLU A 131 -25.39 -15.12 7.05
N LEU A 132 -25.37 -14.22 8.04
CA LEU A 132 -24.74 -14.52 9.31
C LEU A 132 -25.60 -15.45 10.15
N ALA A 133 -26.94 -15.32 10.07
CA ALA A 133 -27.87 -16.19 10.78
C ALA A 133 -27.78 -17.62 10.27
N LYS A 134 -27.52 -17.81 8.96
CA LYS A 134 -27.37 -19.15 8.38
C LYS A 134 -26.19 -19.95 8.97
N MET A 135 -25.27 -19.26 9.67
CA MET A 135 -24.14 -19.88 10.36
C MET A 135 -24.30 -19.74 11.90
N LYS A 136 -25.55 -19.62 12.39
CA LYS A 136 -25.91 -19.43 13.79
C LYS A 136 -25.20 -18.20 14.39
N GLN A 137 -25.13 -17.09 13.65
CA GLN A 137 -24.42 -15.90 14.11
C GLN A 137 -25.17 -14.57 13.88
N GLU A 138 -24.61 -13.48 14.40
CA GLU A 138 -25.18 -12.15 14.27
C GLU A 138 -24.05 -11.09 14.30
N PRO A 139 -24.27 -9.90 13.71
CA PRO A 139 -23.23 -8.86 13.73
C PRO A 139 -22.70 -8.52 15.11
N VAL A 140 -21.39 -8.25 15.20
CA VAL A 140 -20.70 -7.91 16.45
C VAL A 140 -21.38 -6.79 17.21
N LYS A 141 -21.84 -7.09 18.41
CA LYS A 141 -22.53 -6.15 19.28
C LYS A 141 -21.54 -5.20 19.93
N PRO A 142 -21.93 -3.95 20.24
CA PRO A 142 -20.97 -3.01 20.80
C PRO A 142 -20.32 -3.49 22.09
N GLU A 143 -21.08 -4.21 22.94
CA GLU A 143 -20.54 -4.77 24.18
C GLU A 143 -19.43 -5.80 23.93
N GLU A 144 -19.51 -6.58 22.85
CA GLU A 144 -18.46 -7.54 22.51
C GLU A 144 -17.18 -6.84 22.01
N GLY A 145 -17.36 -5.71 21.35
CA GLY A 145 -16.23 -4.93 20.89
C GLY A 145 -15.55 -4.26 22.07
N ARG A 146 -16.36 -3.69 23.00
CA ARG A 146 -15.82 -3.04 24.20
C ARG A 146 -15.13 -4.04 25.10
N ASP A 147 -15.72 -5.25 25.22
CA ASP A 147 -15.14 -6.35 25.99
C ASP A 147 -13.84 -6.85 25.39
N MET A 148 -13.68 -6.76 24.06
CA MET A 148 -12.44 -7.21 23.44
C MET A 148 -11.37 -6.20 23.66
N ALA A 149 -11.68 -4.90 23.44
CA ALA A 149 -10.74 -3.81 23.69
C ALA A 149 -10.25 -3.81 25.15
N ASN A 150 -11.10 -4.28 26.08
CA ASN A 150 -10.81 -4.41 27.50
C ASN A 150 -9.85 -5.58 27.77
N ARG A 151 -10.14 -6.76 27.18
CA ARG A 151 -9.37 -7.98 27.33
C ARG A 151 -7.96 -7.83 26.72
N ILE A 152 -7.86 -7.22 25.52
CA ILE A 152 -6.56 -7.01 24.88
C ILE A 152 -5.76 -5.79 25.45
N GLY A 153 -6.32 -5.10 26.45
CA GLY A 153 -5.69 -3.93 27.05
C GLY A 153 -5.52 -2.74 26.11
N ALA A 154 -6.45 -2.56 25.15
CA ALA A 154 -6.40 -1.44 24.18
C ALA A 154 -6.60 -0.07 24.82
N PHE A 155 -6.05 0.97 24.20
CA PHE A 155 -6.22 2.35 24.67
C PHE A 155 -7.72 2.74 24.62
N GLY A 156 -8.42 2.28 23.60
CA GLY A 156 -9.85 2.53 23.46
C GLY A 156 -10.51 1.67 22.39
N TYR A 157 -11.84 1.78 22.29
CA TYR A 157 -12.66 1.08 21.31
C TYR A 157 -13.46 2.10 20.57
N MET A 158 -13.49 1.98 19.23
CA MET A 158 -14.22 2.92 18.38
C MET A 158 -14.92 2.20 17.25
N GLU A 159 -16.08 2.67 16.85
CA GLU A 159 -16.79 2.10 15.71
C GLU A 159 -16.95 3.15 14.64
N CYS A 160 -17.01 2.69 13.39
CA CYS A 160 -17.15 3.60 12.25
C CYS A 160 -17.67 2.87 11.03
N SER A 161 -17.95 3.62 9.98
CA SER A 161 -18.45 3.10 8.72
C SER A 161 -17.73 3.82 7.59
N ALA A 162 -16.79 3.16 6.88
CA ALA A 162 -16.11 3.81 5.75
C ALA A 162 -17.11 4.21 4.66
N LYS A 163 -18.21 3.43 4.50
CA LYS A 163 -19.25 3.71 3.52
C LYS A 163 -20.03 4.99 3.84
N THR A 164 -20.67 5.07 5.01
CA THR A 164 -21.45 6.26 5.36
C THR A 164 -20.60 7.40 5.97
N LYS A 165 -19.28 7.19 6.12
CA LYS A 165 -18.30 8.12 6.71
C LYS A 165 -18.55 8.44 8.19
N ASP A 166 -19.58 7.84 8.82
CA ASP A 166 -19.85 8.11 10.22
C ASP A 166 -18.78 7.46 11.11
N GLY A 167 -18.18 8.27 11.97
CA GLY A 167 -17.14 7.83 12.89
C GLY A 167 -15.73 7.92 12.34
N VAL A 168 -15.58 8.07 11.02
CA VAL A 168 -14.26 8.08 10.39
C VAL A 168 -13.33 9.21 10.91
N ARG A 169 -13.76 10.49 10.87
CA ARG A 169 -12.93 11.59 11.33
C ARG A 169 -12.56 11.45 12.81
N GLU A 170 -13.50 10.98 13.64
CA GLU A 170 -13.30 10.80 15.08
C GLU A 170 -12.21 9.76 15.44
N VAL A 171 -12.02 8.74 14.60
CA VAL A 171 -11.01 7.71 14.83
C VAL A 171 -9.60 8.28 14.62
N PHE A 172 -9.36 8.93 13.49
CA PHE A 172 -8.04 9.46 13.16
C PHE A 172 -7.61 10.61 14.07
N GLU A 173 -8.56 11.37 14.63
CA GLU A 173 -8.21 12.43 15.58
C GLU A 173 -7.77 11.77 16.88
N MET A 174 -8.54 10.75 17.35
CA MET A 174 -8.23 10.00 18.57
C MET A 174 -6.91 9.26 18.45
N ALA A 175 -6.61 8.74 17.25
CA ALA A 175 -5.35 8.05 16.96
C ALA A 175 -4.17 9.01 17.17
N THR A 176 -4.34 10.28 16.75
CA THR A 176 -3.36 11.37 16.89
C THR A 176 -3.18 11.70 18.37
N ARG A 177 -4.28 11.74 19.13
CA ARG A 177 -4.22 12.01 20.57
C ARG A 177 -3.42 10.90 21.27
N ALA A 178 -3.58 9.64 20.86
CA ALA A 178 -2.85 8.54 21.45
C ALA A 178 -1.39 8.57 21.03
N ALA A 179 -1.13 8.88 19.76
CA ALA A 179 0.23 8.97 19.25
C ALA A 179 1.03 10.06 19.96
N LEU A 180 0.37 11.16 20.36
CA LEU A 180 1.03 12.24 21.08
C LEU A 180 1.42 11.89 22.54
N GLN A 181 0.79 10.87 23.13
CA GLN A 181 1.03 10.42 24.52
C GLN A 181 2.38 9.77 24.78
N ALA A 182 3.19 10.40 25.66
CA ALA A 182 4.49 9.86 26.01
C ALA A 182 4.67 9.84 27.53
N SER B 1 9.33 11.39 -13.20
CA SER B 1 8.37 11.04 -14.24
CA SER B 1 8.35 11.05 -14.22
C SER B 1 8.21 12.16 -15.28
N MET B 2 7.78 11.78 -16.50
CA MET B 2 7.62 12.74 -17.58
C MET B 2 6.19 13.26 -17.69
N GLU B 3 6.01 14.54 -18.10
CA GLU B 3 4.72 15.20 -18.21
C GLU B 3 3.65 14.41 -18.96
N MET B 4 4.04 13.76 -20.06
CA MET B 4 3.15 12.96 -20.91
CA MET B 4 3.15 12.96 -20.90
C MET B 4 2.47 11.87 -20.09
N ASP B 5 3.25 11.07 -19.34
CA ASP B 5 2.79 9.98 -18.49
C ASP B 5 2.05 10.45 -17.24
N GLU B 6 2.37 11.65 -16.74
CA GLU B 6 1.69 12.20 -15.59
C GLU B 6 0.25 12.54 -15.99
N LYS B 7 0.04 13.25 -17.12
CA LYS B 7 -1.31 13.60 -17.54
C LYS B 7 -2.14 12.39 -17.92
N ASP B 8 -1.50 11.38 -18.52
CA ASP B 8 -2.17 10.15 -18.93
C ASP B 8 -2.76 9.38 -17.73
N PHE B 9 -2.15 9.54 -16.54
CA PHE B 9 -2.64 8.88 -15.33
C PHE B 9 -2.98 9.87 -14.22
N ALA B 10 -3.28 11.12 -14.56
CA ALA B 10 -3.64 12.14 -13.58
C ALA B 10 -5.05 11.95 -13.02
N ALA B 11 -5.95 11.33 -13.81
CA ALA B 11 -7.34 11.06 -13.44
C ALA B 11 -7.47 10.06 -12.30
N ASP B 12 -8.61 10.08 -11.58
CA ASP B 12 -8.80 9.16 -10.47
C ASP B 12 -9.23 7.76 -10.90
N SER B 13 -9.54 7.53 -12.18
CA SER B 13 -9.91 6.21 -12.69
C SER B 13 -9.78 6.15 -14.21
N TRP B 14 -10.08 5.01 -14.83
CA TRP B 14 -10.04 4.88 -16.29
C TRP B 14 -11.26 5.60 -16.85
N SER B 15 -12.44 5.45 -16.24
CA SER B 15 -13.66 6.12 -16.70
C SER B 15 -13.58 7.66 -16.69
N LEU B 16 -12.65 8.21 -15.90
CA LEU B 16 -12.44 9.67 -15.85
C LEU B 16 -11.28 10.11 -16.78
N ALA B 17 -10.36 9.19 -17.10
CA ALA B 17 -9.22 9.47 -17.96
C ALA B 17 -9.63 9.62 -19.42
N VAL B 18 -10.52 8.74 -19.90
CA VAL B 18 -10.98 8.76 -21.30
C VAL B 18 -12.08 9.84 -21.51
N ASP B 19 -12.47 10.12 -22.77
CA ASP B 19 -13.55 11.06 -23.05
C ASP B 19 -14.88 10.44 -22.60
N SER B 20 -15.85 11.25 -22.18
CA SER B 20 -17.17 10.75 -21.75
C SER B 20 -17.94 10.05 -22.88
N SER B 21 -17.80 10.51 -24.12
CA SER B 21 -18.47 9.88 -25.26
C SER B 21 -17.84 8.52 -25.64
N PHE B 22 -16.55 8.31 -25.30
CA PHE B 22 -15.87 7.05 -25.59
C PHE B 22 -16.27 5.99 -24.56
N LEU B 23 -16.36 6.39 -23.29
CA LEU B 23 -16.77 5.52 -22.19
C LEU B 23 -18.22 5.04 -22.39
N GLN B 24 -19.09 5.90 -22.92
CA GLN B 24 -20.50 5.57 -23.13
C GLN B 24 -20.78 4.43 -24.12
N GLN B 25 -19.76 4.02 -24.87
CA GLN B 25 -19.91 2.94 -25.85
C GLN B 25 -19.41 1.58 -25.36
N HIS B 26 -19.16 1.44 -24.04
CA HIS B 26 -18.64 0.19 -23.51
C HIS B 26 -19.53 -0.37 -22.42
N LYS B 27 -19.55 -1.70 -22.30
CA LYS B 27 -20.33 -2.38 -21.27
C LYS B 27 -19.75 -2.08 -19.89
N LYS B 28 -20.59 -2.09 -18.83
CA LYS B 28 -20.10 -1.79 -17.48
C LYS B 28 -18.93 -2.68 -17.04
N GLU B 29 -18.98 -3.98 -17.35
CA GLU B 29 -17.92 -4.93 -16.98
C GLU B 29 -16.59 -4.59 -17.63
N VAL B 30 -16.62 -4.00 -18.83
CA VAL B 30 -15.39 -3.59 -19.50
C VAL B 30 -14.79 -2.40 -18.75
N MET B 31 -15.64 -1.43 -18.36
CA MET B 31 -15.23 -0.26 -17.57
C MET B 31 -14.64 -0.66 -16.23
N LYS B 32 -15.28 -1.63 -15.54
CA LYS B 32 -14.79 -2.10 -14.25
C LYS B 32 -13.42 -2.78 -14.38
N GLN B 33 -13.21 -3.53 -15.48
CA GLN B 33 -11.94 -4.22 -15.75
C GLN B 33 -10.82 -3.21 -16.10
N GLN B 34 -11.15 -2.21 -16.93
CA GLN B 34 -10.19 -1.20 -17.32
C GLN B 34 -9.81 -0.27 -16.17
N ASP B 35 -10.73 -0.06 -15.21
CA ASP B 35 -10.49 0.79 -14.05
C ASP B 35 -9.37 0.20 -13.22
N VAL B 36 -9.41 -1.15 -12.96
CA VAL B 36 -8.40 -1.85 -12.16
C VAL B 36 -7.06 -1.95 -12.91
N ILE B 37 -7.09 -2.17 -14.27
CA ILE B 37 -5.88 -2.25 -15.11
C ILE B 37 -5.15 -0.90 -15.07
N TYR B 38 -5.92 0.18 -15.22
CA TYR B 38 -5.42 1.56 -15.18
C TYR B 38 -4.76 1.82 -13.82
N GLU B 39 -5.34 1.32 -12.74
CA GLU B 39 -4.78 1.48 -11.41
C GLU B 39 -3.46 0.75 -11.26
N LEU B 40 -3.31 -0.42 -11.91
CA LEU B 40 -2.06 -1.16 -11.85
C LEU B 40 -0.93 -0.35 -12.49
N ILE B 41 -1.21 0.29 -13.63
CA ILE B 41 -0.20 1.09 -14.32
C ILE B 41 0.02 2.42 -13.63
N GLN B 42 -1.02 3.04 -13.08
CA GLN B 42 -0.89 4.30 -12.38
C GLN B 42 -0.01 4.12 -11.15
N THR B 43 -0.20 3.00 -10.41
CA THR B 43 0.59 2.71 -9.20
C THR B 43 2.03 2.19 -9.55
N GLU B 44 2.20 1.61 -10.75
CA GLU B 44 3.52 1.23 -11.23
C GLU B 44 4.30 2.50 -11.67
N LEU B 45 3.59 3.54 -12.11
CA LEU B 45 4.17 4.82 -12.47
C LEU B 45 4.62 5.53 -11.18
N HIS B 46 3.79 5.47 -10.11
CA HIS B 46 4.15 6.06 -8.82
C HIS B 46 5.32 5.28 -8.20
N HIS B 47 5.37 3.95 -8.39
CA HIS B 47 6.47 3.13 -7.87
C HIS B 47 7.81 3.52 -8.51
N VAL B 48 7.84 3.68 -9.83
CA VAL B 48 9.08 4.04 -10.52
C VAL B 48 9.51 5.48 -10.15
N ARG B 49 8.53 6.38 -9.90
CA ARG B 49 8.76 7.76 -9.47
C ARG B 49 9.48 7.73 -8.12
N THR B 50 9.00 6.89 -7.18
CA THR B 50 9.61 6.69 -5.86
C THR B 50 11.06 6.17 -5.97
N LEU B 51 11.32 5.22 -6.89
CA LEU B 51 12.69 4.71 -7.08
C LEU B 51 13.60 5.76 -7.66
N LYS B 52 13.07 6.60 -8.57
CA LYS B 52 13.82 7.70 -9.16
C LYS B 52 14.12 8.77 -8.12
N ILE B 53 13.21 8.99 -7.14
CA ILE B 53 13.49 9.94 -6.06
C ILE B 53 14.69 9.43 -5.23
N MET B 54 14.66 8.16 -4.80
CA MET B 54 15.76 7.56 -4.04
C MET B 54 17.09 7.61 -4.77
N THR B 55 17.13 7.21 -6.06
CA THR B 55 18.39 7.22 -6.82
C THR B 55 18.94 8.59 -7.21
N ARG B 56 18.07 9.49 -7.71
CA ARG B 56 18.53 10.75 -8.24
C ARG B 56 18.50 11.90 -7.28
N LEU B 57 17.54 11.93 -6.36
CA LEU B 57 17.43 13.05 -5.43
C LEU B 57 18.10 12.79 -4.12
N PHE B 58 17.95 11.60 -3.53
CA PHE B 58 18.60 11.30 -2.26
C PHE B 58 20.00 10.74 -2.49
N ARG B 59 20.10 9.53 -3.08
CA ARG B 59 21.35 8.83 -3.32
C ARG B 59 22.36 9.66 -4.07
N THR B 60 21.94 10.31 -5.15
CA THR B 60 22.84 11.14 -5.95
C THR B 60 23.19 12.43 -5.20
N GLY B 61 22.17 13.09 -4.63
CA GLY B 61 22.35 14.31 -3.86
C GLY B 61 23.37 14.18 -2.75
N MET B 62 23.36 13.02 -2.07
CA MET B 62 24.27 12.69 -0.97
C MET B 62 25.71 12.52 -1.43
N LEU B 63 25.91 12.01 -2.65
CA LEU B 63 27.26 11.80 -3.17
C LEU B 63 27.89 13.12 -3.58
N GLU B 64 27.08 14.03 -4.15
CA GLU B 64 27.59 15.30 -4.65
C GLU B 64 27.63 16.41 -3.63
N GLU B 65 26.65 16.49 -2.71
CA GLU B 65 26.63 17.58 -1.73
C GLU B 65 27.35 17.22 -0.47
N LEU B 66 27.03 16.06 0.08
CA LEU B 66 27.68 15.57 1.29
C LEU B 66 28.84 14.70 0.89
N HIS B 67 29.85 14.61 1.75
CA HIS B 67 30.98 13.75 1.46
C HIS B 67 31.19 12.77 2.60
N LEU B 68 30.37 11.69 2.54
CA LEU B 68 30.35 10.53 3.43
C LEU B 68 30.80 9.28 2.66
N GLU B 69 31.23 8.23 3.40
CA GLU B 69 31.68 6.97 2.83
C GLU B 69 30.64 6.39 1.85
N PRO B 70 30.99 6.08 0.57
CA PRO B 70 30.00 5.57 -0.38
C PRO B 70 29.27 4.28 0.05
N GLY B 71 29.88 3.54 0.97
CA GLY B 71 29.31 2.34 1.57
C GLY B 71 28.11 2.67 2.44
N VAL B 72 28.14 3.85 3.10
CA VAL B 72 27.03 4.35 3.93
C VAL B 72 25.82 4.73 3.03
N VAL B 73 26.09 5.19 1.81
CA VAL B 73 25.04 5.50 0.84
C VAL B 73 24.44 4.16 0.32
N GLN B 74 25.30 3.14 0.12
CA GLN B 74 24.88 1.81 -0.33
CA GLN B 74 24.88 1.82 -0.33
C GLN B 74 23.99 1.14 0.71
N GLY B 75 24.26 1.41 1.99
CA GLY B 75 23.49 0.89 3.11
C GLY B 75 22.20 1.67 3.31
N LEU B 76 22.18 2.94 2.92
CA LEU B 76 21.01 3.80 3.05
C LEU B 76 20.00 3.45 1.97
N PHE B 77 20.47 3.24 0.72
CA PHE B 77 19.62 2.93 -0.43
C PHE B 77 20.08 1.62 -1.09
N PRO B 78 19.78 0.46 -0.49
CA PRO B 78 20.23 -0.81 -1.08
C PRO B 78 19.43 -1.23 -2.32
N CYS B 79 20.09 -1.92 -3.29
CA CYS B 79 19.53 -2.48 -4.54
C CYS B 79 18.63 -1.54 -5.32
N VAL B 80 18.74 -0.21 -5.11
CA VAL B 80 17.87 0.77 -5.76
CA VAL B 80 17.85 0.74 -5.74
C VAL B 80 18.08 0.86 -7.27
N ASP B 81 19.33 0.75 -7.75
CA ASP B 81 19.60 0.81 -9.20
C ASP B 81 19.03 -0.40 -9.91
N GLU B 82 19.12 -1.56 -9.28
CA GLU B 82 18.62 -2.80 -9.82
CA GLU B 82 18.60 -2.81 -9.83
C GLU B 82 17.08 -2.77 -9.84
N LEU B 83 16.46 -2.32 -8.73
CA LEU B 83 15.01 -2.19 -8.61
C LEU B 83 14.47 -1.17 -9.62
N SER B 84 15.21 -0.09 -9.84
CA SER B 84 14.87 0.93 -10.81
C SER B 84 14.84 0.33 -12.23
N ASP B 85 15.84 -0.48 -12.59
CA ASP B 85 15.93 -1.10 -13.90
C ASP B 85 14.87 -2.18 -14.12
N ILE B 86 14.45 -2.87 -13.05
CA ILE B 86 13.43 -3.92 -13.09
C ILE B 86 12.02 -3.33 -13.31
N HIS B 87 11.71 -2.25 -12.61
CA HIS B 87 10.39 -1.64 -12.70
C HIS B 87 10.28 -0.69 -13.87
N THR B 88 11.38 -0.04 -14.31
CA THR B 88 11.35 0.82 -15.48
C THR B 88 11.09 -0.02 -16.73
N ARG B 89 11.63 -1.26 -16.81
CA ARG B 89 11.30 -2.13 -17.93
C ARG B 89 9.81 -2.56 -17.83
N PHE B 90 9.30 -2.84 -16.63
CA PHE B 90 7.90 -3.23 -16.46
C PHE B 90 6.92 -2.09 -16.84
N LEU B 91 7.21 -0.86 -16.37
CA LEU B 91 6.43 0.33 -16.69
C LEU B 91 6.52 0.60 -18.18
N SER B 92 7.70 0.39 -18.79
CA SER B 92 7.86 0.59 -20.22
CA SER B 92 7.85 0.59 -20.23
C SER B 92 6.94 -0.36 -21.00
N GLN B 93 6.87 -1.63 -20.58
CA GLN B 93 6.03 -2.62 -21.25
C GLN B 93 4.53 -2.37 -21.00
N LEU B 94 4.18 -1.83 -19.85
CA LEU B 94 2.79 -1.52 -19.52
C LEU B 94 2.33 -0.32 -20.33
N LEU B 95 3.18 0.71 -20.44
CA LEU B 95 2.87 1.94 -21.18
C LEU B 95 2.72 1.74 -22.70
N GLU B 96 3.49 0.80 -23.31
CA GLU B 96 3.39 0.50 -24.74
C GLU B 96 2.14 -0.34 -25.03
N ARG B 97 1.73 -1.20 -24.08
CA ARG B 97 0.50 -1.99 -24.19
C ARG B 97 -0.73 -1.05 -24.18
N ARG B 98 -0.63 0.09 -23.47
CA ARG B 98 -1.67 1.13 -23.43
C ARG B 98 -1.68 1.92 -24.73
N ARG B 99 -0.47 2.27 -25.24
CA ARG B 99 -0.35 3.04 -26.46
CA ARG B 99 -0.29 3.03 -26.46
C ARG B 99 -0.81 2.27 -27.67
N GLN B 100 -0.52 0.96 -27.72
CA GLN B 100 -0.96 0.07 -28.81
C GLN B 100 -2.49 0.03 -28.86
N ALA B 101 -3.13 0.04 -27.67
CA ALA B 101 -4.58 -0.01 -27.51
C ALA B 101 -5.30 1.32 -27.82
N LEU B 102 -4.56 2.43 -27.94
CA LEU B 102 -5.14 3.73 -28.23
C LEU B 102 -5.97 3.77 -29.50
N CYS B 103 -7.13 4.41 -29.38
CA CYS B 103 -8.05 4.62 -30.48
C CYS B 103 -7.40 5.61 -31.47
N PRO B 104 -7.45 5.35 -32.79
CA PRO B 104 -6.80 6.29 -33.75
C PRO B 104 -7.31 7.74 -33.69
N GLY B 105 -6.38 8.69 -33.60
CA GLY B 105 -6.73 10.09 -33.48
C GLY B 105 -7.02 10.51 -32.06
N SER B 106 -6.46 9.78 -31.08
CA SER B 106 -6.67 10.05 -29.66
C SER B 106 -5.42 9.74 -28.88
N THR B 107 -5.26 10.41 -27.75
CA THR B 107 -4.14 10.12 -26.84
C THR B 107 -4.65 9.67 -25.44
N ARG B 108 -5.98 9.62 -25.20
CA ARG B 108 -6.51 9.23 -23.92
C ARG B 108 -7.45 8.02 -23.98
N ASN B 109 -8.17 7.81 -25.08
CA ASN B 109 -9.10 6.69 -25.22
C ASN B 109 -8.42 5.37 -25.58
N PHE B 110 -8.53 4.34 -24.72
CA PHE B 110 -7.94 3.03 -25.00
C PHE B 110 -8.68 1.88 -24.32
N VAL B 111 -8.54 0.65 -24.82
CA VAL B 111 -9.13 -0.54 -24.17
C VAL B 111 -8.09 -1.66 -24.27
N ILE B 112 -7.46 -1.98 -23.14
CA ILE B 112 -6.46 -3.04 -23.09
C ILE B 112 -7.20 -4.37 -23.02
N HIS B 113 -7.09 -5.18 -24.07
CA HIS B 113 -7.74 -6.48 -24.13
C HIS B 113 -6.81 -7.60 -23.65
N ARG B 114 -5.49 -7.45 -23.86
N ARG B 114 -5.49 -7.45 -23.86
CA ARG B 114 -4.53 -8.46 -23.44
CA ARG B 114 -4.50 -8.44 -23.45
C ARG B 114 -3.59 -7.88 -22.41
C ARG B 114 -3.58 -7.87 -22.41
N LEU B 115 -3.56 -8.47 -21.21
N LEU B 115 -3.56 -8.47 -21.22
CA LEU B 115 -2.68 -8.03 -20.16
CA LEU B 115 -2.68 -8.03 -20.15
C LEU B 115 -1.92 -9.24 -19.57
C LEU B 115 -1.92 -9.24 -19.57
N GLY B 116 -2.61 -10.36 -19.42
CA GLY B 116 -2.05 -11.60 -18.86
C GLY B 116 -0.65 -11.97 -19.28
N ASP B 117 -0.40 -12.15 -20.59
CA ASP B 117 0.91 -12.47 -21.17
CA ASP B 117 0.94 -12.55 -21.06
C ASP B 117 2.04 -11.57 -20.63
N LEU B 118 1.74 -10.28 -20.49
CA LEU B 118 2.71 -9.29 -20.03
C LEU B 118 3.09 -9.61 -18.58
N LEU B 119 2.09 -9.94 -17.74
CA LEU B 119 2.27 -10.29 -16.35
C LEU B 119 2.99 -11.64 -16.21
N ILE B 120 2.65 -12.62 -17.04
CA ILE B 120 3.32 -13.91 -17.05
C ILE B 120 4.81 -13.75 -17.40
N SER B 121 5.13 -12.99 -18.45
CA SER B 121 6.52 -12.76 -18.86
CA SER B 121 6.52 -12.78 -18.85
C SER B 121 7.32 -12.08 -17.75
N GLN B 122 6.67 -11.15 -17.03
CA GLN B 122 7.32 -10.41 -15.95
C GLN B 122 7.57 -11.30 -14.73
N PHE B 123 6.53 -11.96 -14.23
CA PHE B 123 6.65 -12.74 -12.99
C PHE B 123 7.05 -14.20 -13.21
N SER B 124 7.77 -14.51 -14.30
CA SER B 124 8.24 -15.88 -14.55
C SER B 124 9.65 -15.91 -15.16
N GLY B 125 10.36 -17.02 -14.95
CA GLY B 125 11.68 -17.24 -15.53
C GLY B 125 12.80 -16.41 -14.95
N PRO B 126 13.74 -15.98 -15.80
CA PRO B 126 14.87 -15.18 -15.31
C PRO B 126 14.44 -13.84 -14.71
N SER B 127 13.35 -13.22 -15.21
CA SER B 127 12.89 -11.95 -14.64
C SER B 127 12.37 -12.16 -13.23
N ALA B 128 11.58 -13.22 -12.99
CA ALA B 128 11.09 -13.51 -11.64
C ALA B 128 12.24 -13.86 -10.74
N GLU B 129 13.25 -14.63 -11.21
CA GLU B 129 14.40 -14.99 -10.41
C GLU B 129 15.17 -13.74 -10.00
N GLN B 130 15.38 -12.81 -10.94
CA GLN B 130 16.13 -11.60 -10.63
CA GLN B 130 16.10 -11.55 -10.71
C GLN B 130 15.38 -10.70 -9.67
N MET B 131 14.05 -10.66 -9.76
CA MET B 131 13.14 -9.87 -8.91
C MET B 131 12.98 -10.47 -7.53
N CYS B 132 12.97 -11.80 -7.44
CA CYS B 132 12.85 -12.52 -6.18
C CYS B 132 14.12 -12.31 -5.37
N LYS B 133 15.27 -12.49 -6.01
CA LYS B 133 16.60 -12.35 -5.44
C LYS B 133 16.92 -10.87 -5.06
N THR B 134 16.31 -9.89 -5.76
CA THR B 134 16.51 -8.46 -5.46
C THR B 134 15.60 -8.01 -4.33
N TYR B 135 14.32 -8.42 -4.34
CA TYR B 135 13.41 -8.02 -3.27
C TYR B 135 13.81 -8.69 -1.94
N SER B 136 14.25 -9.96 -1.98
CA SER B 136 14.74 -10.65 -0.77
C SER B 136 15.92 -9.91 -0.19
N GLU B 137 16.82 -9.41 -1.05
CA GLU B 137 17.97 -8.63 -0.61
CA GLU B 137 17.98 -8.65 -0.57
C GLU B 137 17.51 -7.32 0.04
N PHE B 138 16.71 -6.52 -0.70
CA PHE B 138 16.20 -5.23 -0.26
C PHE B 138 15.54 -5.31 1.12
N CYS B 139 14.65 -6.30 1.32
CA CYS B 139 13.90 -6.45 2.56
C CYS B 139 14.74 -6.92 3.72
N SER B 140 15.80 -7.70 3.45
CA SER B 140 16.75 -8.09 4.51
C SER B 140 17.55 -6.88 4.96
N ARG B 141 17.85 -5.94 4.06
CA ARG B 141 18.63 -4.76 4.40
C ARG B 141 17.76 -3.53 4.79
N HIS B 142 16.42 -3.65 4.72
CA HIS B 142 15.44 -2.60 5.03
C HIS B 142 15.61 -2.02 6.44
N SER B 143 15.67 -2.86 7.49
CA SER B 143 15.81 -2.35 8.85
CA SER B 143 15.82 -2.37 8.86
C SER B 143 17.14 -1.66 9.08
N LYS B 144 18.25 -2.24 8.60
CA LYS B 144 19.59 -1.67 8.72
C LYS B 144 19.64 -0.28 8.07
N ALA B 145 18.88 -0.09 6.95
CA ALA B 145 18.75 1.17 6.21
C ALA B 145 18.10 2.27 7.02
N LEU B 146 16.97 1.97 7.72
CA LEU B 146 16.24 2.91 8.58
C LEU B 146 17.08 3.28 9.79
N LYS B 147 17.81 2.32 10.36
CA LYS B 147 18.68 2.60 11.51
C LYS B 147 19.85 3.51 11.11
N LEU B 148 20.57 3.16 10.04
CA LEU B 148 21.69 3.92 9.52
C LEU B 148 21.34 5.37 9.23
N TYR B 149 20.07 5.62 8.81
CA TYR B 149 19.52 6.94 8.50
C TYR B 149 19.31 7.71 9.81
N LYS B 150 18.64 7.10 10.78
CA LYS B 150 18.36 7.71 12.07
C LYS B 150 19.65 8.10 12.78
N GLU B 151 20.70 7.27 12.65
CA GLU B 151 22.00 7.53 13.25
CA GLU B 151 21.97 7.57 13.28
C GLU B 151 22.63 8.76 12.60
N LEU B 152 22.64 8.80 11.28
CA LEU B 152 23.21 9.90 10.50
C LEU B 152 22.45 11.21 10.77
N TYR B 153 21.12 11.15 10.95
CA TYR B 153 20.31 12.34 11.21
C TYR B 153 20.55 12.85 12.63
N ALA B 154 20.76 11.95 13.60
CA ALA B 154 20.98 12.37 14.99
C ALA B 154 22.44 12.77 15.28
N ARG B 155 23.38 12.53 14.35
CA ARG B 155 24.78 12.87 14.57
CA ARG B 155 24.79 12.85 14.56
C ARG B 155 25.28 13.97 13.65
N ASP B 156 25.07 13.84 12.34
CA ASP B 156 25.51 14.80 11.31
C ASP B 156 24.57 15.99 11.11
N LYS B 157 25.07 17.23 11.32
CA LYS B 157 24.25 18.42 11.14
C LYS B 157 24.12 18.84 9.66
N ARG B 158 25.08 18.44 8.82
CA ARG B 158 25.07 18.72 7.39
C ARG B 158 24.15 17.74 6.66
N PHE B 159 24.08 16.48 7.12
CA PHE B 159 23.18 15.47 6.58
C PHE B 159 21.73 15.84 6.97
N GLN B 160 21.55 16.34 8.19
CA GLN B 160 20.26 16.82 8.72
C GLN B 160 19.76 17.97 7.81
N GLN B 161 20.68 18.89 7.45
CA GLN B 161 20.38 20.05 6.61
C GLN B 161 20.08 19.65 5.17
N PHE B 162 20.72 18.58 4.68
CA PHE B 162 20.52 18.10 3.32
C PHE B 162 19.11 17.54 3.22
N ILE B 163 18.70 16.72 4.19
CA ILE B 163 17.37 16.10 4.25
C ILE B 163 16.27 17.14 4.39
N ARG B 164 16.54 18.23 5.12
CA ARG B 164 15.58 19.32 5.29
C ARG B 164 15.35 20.05 3.96
N LYS B 165 16.43 20.24 3.21
CA LYS B 165 16.48 20.92 1.94
C LYS B 165 15.82 20.11 0.79
N VAL B 166 16.22 18.84 0.53
CA VAL B 166 15.62 18.04 -0.55
C VAL B 166 14.16 17.73 -0.37
N THR B 167 13.73 17.45 0.87
CA THR B 167 12.35 17.09 1.17
C THR B 167 11.42 18.26 1.50
N ARG B 168 11.85 19.47 1.20
CA ARG B 168 11.07 20.68 1.40
C ARG B 168 9.89 20.75 0.40
N PRO B 169 10.09 20.58 -0.94
CA PRO B 169 8.94 20.61 -1.87
C PRO B 169 7.74 19.76 -1.45
N ALA B 170 6.52 20.30 -1.65
CA ALA B 170 5.28 19.63 -1.27
C ALA B 170 5.08 18.31 -1.98
N VAL B 171 5.53 18.18 -3.23
CA VAL B 171 5.37 16.91 -3.97
C VAL B 171 5.96 15.70 -3.22
N LEU B 172 6.98 15.95 -2.38
CA LEU B 172 7.67 14.94 -1.60
C LEU B 172 7.18 14.83 -0.16
N LYS B 173 5.96 15.30 0.14
CA LYS B 173 5.40 15.28 1.50
C LYS B 173 5.39 13.87 2.08
N ARG B 174 4.93 12.89 1.30
CA ARG B 174 4.91 11.47 1.73
C ARG B 174 6.06 10.66 1.14
N HIS B 175 7.19 11.31 0.85
CA HIS B 175 8.29 10.66 0.18
C HIS B 175 9.69 10.90 0.77
N GLY B 176 9.80 10.85 2.10
CA GLY B 176 11.11 10.96 2.74
C GLY B 176 11.92 9.69 2.56
N VAL B 177 13.17 9.66 3.10
CA VAL B 177 14.02 8.47 2.93
C VAL B 177 13.35 7.19 3.47
N GLN B 178 12.76 7.29 4.67
CA GLN B 178 12.07 6.19 5.32
C GLN B 178 10.77 5.79 4.67
N GLU B 179 9.97 6.77 4.19
CA GLU B 179 8.70 6.45 3.52
C GLU B 179 9.00 5.70 2.24
N CYS B 180 10.02 6.14 1.49
CA CYS B 180 10.43 5.52 0.24
C CYS B 180 10.79 4.04 0.42
N ILE B 181 11.59 3.72 1.46
CA ILE B 181 11.99 2.35 1.76
C ILE B 181 10.77 1.44 2.03
N LEU B 182 9.82 1.88 2.89
CA LEU B 182 8.62 1.06 3.16
C LEU B 182 7.71 1.02 1.94
N LEU B 183 7.64 2.12 1.18
CA LEU B 183 6.86 2.16 -0.06
C LEU B 183 7.27 1.03 -1.05
N VAL B 184 8.61 0.80 -1.16
CA VAL B 184 9.21 -0.21 -2.03
C VAL B 184 8.93 -1.60 -1.46
N THR B 185 9.15 -1.78 -0.14
CA THR B 185 8.96 -3.06 0.53
C THR B 185 7.50 -3.53 0.37
N GLN B 186 6.53 -2.60 0.41
CA GLN B 186 5.11 -2.95 0.29
C GLN B 186 4.60 -3.14 -1.17
N ARG B 187 5.37 -2.68 -2.18
CA ARG B 187 4.96 -2.77 -3.57
C ARG B 187 4.66 -4.19 -4.06
N ILE B 188 5.52 -5.15 -3.74
CA ILE B 188 5.33 -6.54 -4.18
C ILE B 188 4.04 -7.16 -3.66
N THR B 189 3.62 -6.79 -2.45
CA THR B 189 2.38 -7.34 -1.90
C THR B 189 1.10 -6.70 -2.48
N LYS B 190 1.23 -5.70 -3.39
CA LYS B 190 0.09 -5.04 -4.02
C LYS B 190 -0.37 -5.83 -5.21
N TYR B 191 0.59 -6.37 -6.01
CA TYR B 191 0.28 -7.12 -7.26
C TYR B 191 -0.79 -8.20 -7.12
N PRO B 192 -0.76 -9.15 -6.15
CA PRO B 192 -1.85 -10.14 -6.09
C PRO B 192 -3.22 -9.50 -5.95
N LEU B 193 -3.35 -8.45 -5.10
CA LEU B 193 -4.61 -7.74 -4.92
CA LEU B 193 -4.60 -7.73 -4.90
C LEU B 193 -5.10 -7.15 -6.24
N LEU B 194 -4.20 -6.50 -7.01
CA LEU B 194 -4.51 -5.87 -8.30
C LEU B 194 -4.85 -6.90 -9.39
N ILE B 195 -4.05 -7.98 -9.49
CA ILE B 195 -4.23 -9.03 -10.48
C ILE B 195 -5.51 -9.85 -10.18
N SER B 196 -5.89 -10.00 -8.88
CA SER B 196 -7.10 -10.73 -8.51
CA SER B 196 -7.09 -10.73 -8.54
CA SER B 196 -7.11 -10.72 -8.50
C SER B 196 -8.34 -9.91 -8.89
N ARG B 197 -8.28 -8.59 -8.72
CA ARG B 197 -9.42 -7.73 -9.05
C ARG B 197 -9.56 -7.58 -10.58
N ILE B 198 -8.43 -7.65 -11.33
CA ILE B 198 -8.51 -7.61 -12.80
C ILE B 198 -9.15 -8.92 -13.24
N LEU B 199 -8.63 -10.06 -12.75
CA LEU B 199 -9.13 -11.41 -13.04
C LEU B 199 -10.63 -11.55 -12.77
N GLN B 200 -11.13 -10.85 -11.77
CA GLN B 200 -12.55 -10.90 -11.41
C GLN B 200 -13.47 -10.30 -12.49
N HIS B 201 -12.96 -9.36 -13.30
CA HIS B 201 -13.75 -8.75 -14.35
C HIS B 201 -13.19 -9.12 -15.75
N SER B 202 -12.52 -10.29 -15.86
CA SER B 202 -11.94 -10.74 -17.13
C SER B 202 -12.43 -12.14 -17.51
N HIS B 203 -13.74 -12.37 -17.35
CA HIS B 203 -14.33 -13.64 -17.74
C HIS B 203 -15.10 -13.45 -19.04
N GLY B 204 -14.46 -12.80 -20.02
CA GLY B 204 -15.02 -12.57 -21.34
C GLY B 204 -14.29 -13.43 -22.35
N ILE B 205 -12.96 -13.35 -22.31
CA ILE B 205 -12.11 -14.15 -23.18
CA ILE B 205 -12.12 -14.17 -23.18
C ILE B 205 -11.47 -15.22 -22.28
N GLU B 206 -11.59 -16.50 -22.64
CA GLU B 206 -11.06 -17.59 -21.82
C GLU B 206 -9.52 -17.61 -21.73
N GLU B 207 -8.80 -17.35 -22.83
CA GLU B 207 -7.35 -17.30 -22.77
C GLU B 207 -6.85 -16.17 -21.88
N GLU B 208 -7.64 -15.10 -21.71
CA GLU B 208 -7.31 -13.99 -20.82
C GLU B 208 -7.54 -14.38 -19.35
N ARG B 209 -8.64 -15.09 -19.06
CA ARG B 209 -8.93 -15.58 -17.72
C ARG B 209 -7.84 -16.58 -17.27
N GLN B 210 -7.30 -17.37 -18.20
CA GLN B 210 -6.26 -18.33 -17.84
C GLN B 210 -4.89 -17.69 -17.70
N ASP B 211 -4.61 -16.63 -18.47
CA ASP B 211 -3.34 -15.92 -18.40
C ASP B 211 -3.27 -15.14 -17.09
N LEU B 212 -4.38 -14.48 -16.70
CA LEU B 212 -4.46 -13.74 -15.44
C LEU B 212 -4.45 -14.67 -14.23
N THR B 213 -4.90 -15.91 -14.37
CA THR B 213 -4.87 -16.89 -13.31
C THR B 213 -3.44 -17.40 -13.17
N THR B 214 -2.75 -17.66 -14.29
CA THR B 214 -1.35 -18.10 -14.26
C THR B 214 -0.46 -17.03 -13.62
N ALA B 215 -0.66 -15.75 -13.99
CA ALA B 215 0.10 -14.64 -13.44
C ALA B 215 -0.22 -14.46 -11.96
N LEU B 216 -1.48 -14.69 -11.53
CA LEU B 216 -1.84 -14.57 -10.13
C LEU B 216 -1.06 -15.60 -9.28
N GLY B 217 -1.10 -16.86 -9.69
CA GLY B 217 -0.37 -17.93 -9.02
C GLY B 217 1.14 -17.74 -9.11
N LEU B 218 1.63 -17.02 -10.13
CA LEU B 218 3.04 -16.73 -10.34
C LEU B 218 3.52 -15.64 -9.40
N VAL B 219 2.67 -14.63 -9.13
CA VAL B 219 3.05 -13.54 -8.24
C VAL B 219 3.13 -14.07 -6.82
N LYS B 220 2.13 -14.88 -6.39
CA LYS B 220 2.11 -15.46 -5.07
C LYS B 220 3.31 -16.39 -4.87
N GLU B 221 3.74 -17.12 -5.92
CA GLU B 221 4.91 -17.99 -5.88
CA GLU B 221 4.89 -18.00 -5.79
C GLU B 221 6.16 -17.14 -5.56
N LEU B 222 6.26 -15.96 -6.22
CA LEU B 222 7.37 -15.02 -6.06
C LEU B 222 7.38 -14.46 -4.66
N LEU B 223 6.23 -13.96 -4.19
CA LEU B 223 6.06 -13.41 -2.86
C LEU B 223 6.42 -14.42 -1.78
N SER B 224 6.02 -15.70 -1.96
CA SER B 224 6.32 -16.76 -1.02
CA SER B 224 6.32 -16.76 -1.02
C SER B 224 7.83 -17.04 -0.93
N ASN B 225 8.55 -16.90 -2.04
CA ASN B 225 9.99 -17.11 -2.08
C ASN B 225 10.71 -15.90 -1.49
N VAL B 226 10.19 -14.68 -1.77
CA VAL B 226 10.74 -13.44 -1.22
C VAL B 226 10.59 -13.45 0.30
N ASP B 227 9.44 -13.93 0.80
CA ASP B 227 9.15 -14.07 2.22
C ASP B 227 10.03 -15.15 2.87
N GLU B 228 10.30 -16.24 2.14
CA GLU B 228 11.15 -17.30 2.64
C GLU B 228 12.67 -16.98 2.55
N GLY B 229 13.04 -15.95 1.79
CA GLY B 229 14.44 -15.55 1.65
C GLY B 229 14.87 -14.35 2.48
N ILE B 230 14.02 -13.90 3.40
CA ILE B 230 14.33 -12.76 4.26
C ILE B 230 15.06 -13.22 5.54
N TYR B 231 16.12 -12.51 5.89
CA TYR B 231 16.94 -12.76 7.07
C TYR B 231 17.48 -11.38 7.43
N GLN B 232 16.79 -10.69 8.34
CA GLN B 232 17.09 -9.32 8.77
C GLN B 232 18.51 -9.07 9.29
N LEU B 233 19.24 -8.18 8.62
CA LEU B 233 20.59 -7.80 9.01
C LEU B 233 20.54 -6.71 10.09
N GLU B 234 21.37 -6.83 11.15
CA GLU B 234 21.45 -5.84 12.22
C GLU B 234 22.50 -4.77 11.90
N LYS B 235 22.37 -3.57 12.48
CA LYS B 235 23.34 -2.50 12.24
C LYS B 235 24.65 -2.79 12.98
#